data_3OSS
#
_entry.id   3OSS
#
_cell.length_a   45.500
_cell.length_b   76.810
_cell.length_c   85.770
_cell.angle_alpha   90.00
_cell.angle_beta   90.00
_cell.angle_gamma   90.00
#
_symmetry.space_group_name_H-M   'P 21 21 21'
#
loop_
_entity.id
_entity.type
_entity.pdbx_description
1 polymer 'TYPE 2 SECRETION SYSTEM, GSPC'
2 polymer 'TYPE 2 SECRETION SYSTEM, SECRETIN GSPD'
3 non-polymer 'CALCIUM ION'
4 non-polymer 'CHLORIDE ION'
5 water water
#
loop_
_entity_poly.entity_id
_entity_poly.type
_entity_poly.pdbx_seq_one_letter_code
_entity_poly.pdbx_strand_id
1 'polypeptide(L)' GAMETRLNVVLRGIAFGARPGAVIEEGGKQQVYLQGERLDSHNAVIEEINRDHVMLRYQGKIERLSLA C
2 'polypeptide(L)'
;GAMAEEATFTANFKDTDLKSFIETVGANLNKTIIMGPGVQGKVSIRTMTPLNERQYYQLFLNLLEAQGYAVVPMYIDTNN
DGYIEGDELVLKVVKSSAAKVEPLPLVGEGSDNYAGDEMVTKVVPVRNVSVRELAPILRQMIDSAGSGNVVNYDPSNVIM
LTGRASVVERLTEVIQRVDHA
;
D
#
loop_
_chem_comp.id
_chem_comp.type
_chem_comp.name
_chem_comp.formula
CA non-polymer 'CALCIUM ION' 'Ca 2'
CL non-polymer 'CHLORIDE ION' 'Cl -1'
#
# COMPACT_ATOMS: atom_id res chain seq x y z
N GLU A 4 10.72 16.32 -18.03
CA GLU A 4 9.34 15.79 -17.79
C GLU A 4 8.81 15.23 -19.10
N THR A 5 7.85 14.32 -19.01
CA THR A 5 7.23 13.73 -20.18
C THR A 5 6.22 14.71 -20.78
N ARG A 6 6.17 14.74 -22.11
CA ARG A 6 5.16 15.50 -22.83
C ARG A 6 3.96 14.61 -23.22
N LEU A 7 3.99 13.35 -22.81
CA LEU A 7 2.87 12.43 -23.06
C LEU A 7 1.70 12.70 -22.12
N ASN A 8 0.47 12.65 -22.64
CA ASN A 8 -0.71 13.01 -21.85
C ASN A 8 -1.23 11.85 -21.01
N VAL A 9 -0.41 11.47 -20.04
CA VAL A 9 -0.69 10.34 -19.17
C VAL A 9 -0.42 10.75 -17.70
N VAL A 10 -1.27 10.29 -16.76
CA VAL A 10 -1.18 10.74 -15.37
C VAL A 10 -0.75 9.58 -14.48
N LEU A 11 0.31 9.79 -13.70
CA LEU A 11 0.80 8.82 -12.70
C LEU A 11 0.02 8.91 -11.41
N ARG A 12 -0.81 7.90 -11.15
CA ARG A 12 -1.78 7.96 -10.07
C ARG A 12 -1.29 7.35 -8.76
N GLY A 13 -0.42 6.36 -8.87
CA GLY A 13 0.13 5.70 -7.69
C GLY A 13 1.51 5.15 -7.94
N ILE A 14 2.31 5.02 -6.89
CA ILE A 14 3.64 4.40 -7.03
C ILE A 14 4.00 3.61 -5.76
N ALA A 15 4.22 2.31 -5.94
CA ALA A 15 4.61 1.40 -4.87
C ALA A 15 6.04 0.92 -5.13
N PHE A 16 6.97 1.24 -4.25
CA PHE A 16 8.40 1.06 -4.54
C PHE A 16 9.03 0.03 -3.65
N GLY A 17 9.83 -0.85 -4.23
CA GLY A 17 10.52 -1.88 -3.47
C GLY A 17 11.34 -2.76 -4.37
N ALA A 18 11.49 -4.02 -3.96
CA ALA A 18 12.17 -5.02 -4.79
C ALA A 18 11.33 -5.40 -6.02
N ARG A 19 9.99 -5.35 -5.87
CA ARG A 19 9.04 -5.61 -6.98
C ARG A 19 8.10 -4.42 -7.07
N PRO A 20 8.57 -3.35 -7.71
CA PRO A 20 7.79 -2.14 -7.81
C PRO A 20 6.71 -2.16 -8.89
N GLY A 21 5.85 -1.14 -8.83
CA GLY A 21 4.77 -0.98 -9.79
C GLY A 21 4.23 0.44 -9.77
N ALA A 22 3.78 0.93 -10.93
CA ALA A 22 3.14 2.25 -11.07
C ALA A 22 1.72 2.10 -11.63
N VAL A 23 0.79 2.93 -11.18
CA VAL A 23 -0.54 3.00 -11.82
C VAL A 23 -0.58 4.26 -12.66
N ILE A 24 -0.71 4.09 -13.98
CA ILE A 24 -0.65 5.19 -14.92
C ILE A 24 -1.94 5.26 -15.66
N GLU A 25 -2.47 6.46 -15.79
CA GLU A 25 -3.78 6.64 -16.39
C GLU A 25 -3.59 7.14 -17.80
N GLU A 26 -4.44 6.69 -18.70
CA GLU A 26 -4.53 7.30 -20.03
C GLU A 26 -5.95 7.15 -20.56
N GLY A 27 -6.51 8.26 -21.01
CA GLY A 27 -7.89 8.30 -21.47
C GLY A 27 -8.86 7.90 -20.36
N GLY A 28 -8.54 8.28 -19.13
CA GLY A 28 -9.39 7.98 -17.98
C GLY A 28 -9.34 6.54 -17.51
N LYS A 29 -8.53 5.70 -18.19
CA LYS A 29 -8.32 4.31 -17.83
C LYS A 29 -7.05 4.17 -17.04
N GLN A 30 -7.13 3.47 -15.91
CA GLN A 30 -5.98 3.20 -15.08
C GLN A 30 -5.46 1.81 -15.37
N GLN A 31 -4.14 1.66 -15.31
CA GLN A 31 -3.50 0.40 -15.67
C GLN A 31 -2.21 0.32 -14.88
N VAL A 32 -1.87 -0.88 -14.41
CA VAL A 32 -0.66 -1.08 -13.61
C VAL A 32 0.51 -1.50 -14.48
N TYR A 33 1.69 -0.90 -14.28
CA TYR A 33 2.88 -1.26 -15.06
C TYR A 33 4.05 -1.63 -14.14
N LEU A 34 4.80 -2.65 -14.57
CA LEU A 34 6.06 -3.03 -13.94
C LEU A 34 7.17 -2.50 -14.83
N GLN A 35 8.41 -2.48 -14.32
CA GLN A 35 9.56 -2.00 -15.09
C GLN A 35 9.74 -2.82 -16.38
N GLY A 36 10.12 -2.13 -17.46
CA GLY A 36 10.42 -2.78 -18.74
C GLY A 36 9.20 -3.01 -19.60
N GLU A 37 8.01 -2.92 -19.01
CA GLU A 37 6.75 -3.08 -19.74
C GLU A 37 6.47 -1.81 -20.54
N ARG A 38 5.69 -1.95 -21.61
CA ARG A 38 5.40 -0.86 -22.53
C ARG A 38 4.03 -0.27 -22.22
N LEU A 39 3.87 1.00 -22.56
CA LEU A 39 2.82 1.82 -21.98
C LEU A 39 1.38 1.54 -22.44
N ASP A 40 1.13 0.64 -23.39
CA ASP A 40 -0.26 0.36 -23.77
C ASP A 40 -0.80 1.42 -24.73
N SER A 41 -0.73 2.69 -24.36
CA SER A 41 -1.20 3.78 -25.22
C SER A 41 -0.15 4.25 -26.20
N HIS A 42 1.00 4.64 -25.68
CA HIS A 42 2.09 5.06 -26.52
C HIS A 42 3.20 4.03 -26.47
N ASN A 43 4.07 4.06 -27.49
CA ASN A 43 5.24 3.21 -27.52
C ASN A 43 6.28 3.74 -26.54
N ALA A 44 6.01 3.57 -25.25
CA ALA A 44 6.89 4.09 -24.20
C ALA A 44 7.18 3.05 -23.10
N VAL A 45 8.46 2.91 -22.77
CA VAL A 45 8.90 1.89 -21.85
C VAL A 45 9.22 2.48 -20.47
N ILE A 46 8.51 2.01 -19.46
CA ILE A 46 8.85 2.28 -18.07
C ILE A 46 10.22 1.70 -17.81
N GLU A 47 11.26 2.50 -18.02
CA GLU A 47 12.64 2.04 -17.85
C GLU A 47 13.08 1.96 -16.38
N GLU A 48 12.54 2.85 -15.53
CA GLU A 48 12.86 2.91 -14.10
C GLU A 48 11.56 3.24 -13.38
N ILE A 49 11.25 2.48 -12.34
CA ILE A 49 10.30 2.94 -11.34
C ILE A 49 11.12 3.30 -10.12
N ASN A 50 11.07 4.57 -9.72
CA ASN A 50 11.76 5.02 -8.54
C ASN A 50 10.72 5.37 -7.47
N ARG A 51 11.14 6.00 -6.37
CA ARG A 51 10.27 6.14 -5.19
C ARG A 51 9.01 7.03 -5.42
N ASP A 52 9.22 8.15 -6.09
CA ASP A 52 8.18 9.18 -6.27
C ASP A 52 7.96 9.48 -7.74
N HIS A 53 8.64 8.73 -8.61
CA HIS A 53 8.46 8.96 -10.03
C HIS A 53 8.88 7.79 -10.90
N VAL A 54 8.45 7.90 -12.16
CA VAL A 54 8.79 6.97 -13.22
C VAL A 54 9.63 7.68 -14.29
N MET A 55 10.64 6.98 -14.81
CA MET A 55 11.40 7.40 -15.98
C MET A 55 10.98 6.58 -17.22
N LEU A 56 10.54 7.29 -18.27
CA LEU A 56 10.06 6.68 -19.51
C LEU A 56 11.09 6.77 -20.61
N ARG A 57 11.16 5.71 -21.40
CA ARG A 57 11.84 5.75 -22.66
C ARG A 57 10.77 5.93 -23.74
N TYR A 58 10.82 7.07 -24.42
CA TYR A 58 9.90 7.39 -25.51
C TYR A 58 10.71 7.92 -26.68
N GLN A 59 10.61 7.27 -27.84
CA GLN A 59 11.34 7.71 -29.02
C GLN A 59 12.82 7.98 -28.69
N GLY A 60 13.46 7.03 -28.02
CA GLY A 60 14.90 7.08 -27.74
C GLY A 60 15.39 8.17 -26.78
N LYS A 61 14.49 8.70 -25.95
CA LYS A 61 14.85 9.70 -24.93
C LYS A 61 14.30 9.25 -23.59
N ILE A 62 15.00 9.60 -22.51
CA ILE A 62 14.50 9.31 -21.18
C ILE A 62 13.77 10.55 -20.67
N GLU A 63 12.54 10.36 -20.23
CA GLU A 63 11.69 11.44 -19.71
C GLU A 63 11.10 11.06 -18.35
N ARG A 64 10.99 12.04 -17.47
CA ARG A 64 10.43 11.83 -16.14
C ARG A 64 8.91 11.98 -16.11
N LEU A 65 8.20 11.02 -15.51
CA LEU A 65 6.77 11.19 -15.19
C LEU A 65 6.60 11.25 -13.69
N SER A 66 6.23 12.40 -13.16
CA SER A 66 6.05 12.58 -11.73
C SER A 66 4.61 12.34 -11.34
N LEU A 67 4.37 12.25 -10.04
CA LEU A 67 3.03 12.04 -9.49
C LEU A 67 2.16 13.28 -9.69
N ALA A 68 0.87 13.06 -9.96
CA ALA A 68 -0.11 14.15 -10.03
C ALA A 68 -0.33 14.77 -8.65
N ALA B 7 14.37 -5.68 4.01
CA ALA B 7 13.56 -5.42 2.76
C ALA B 7 12.25 -4.63 3.02
N THR B 8 12.10 -3.47 2.38
CA THR B 8 10.96 -2.58 2.68
C THR B 8 10.16 -2.05 1.48
N PHE B 9 8.96 -1.59 1.79
CA PHE B 9 7.98 -1.04 0.84
C PHE B 9 7.64 0.38 1.21
N THR B 10 7.74 1.29 0.24
CA THR B 10 7.12 2.61 0.33
C THR B 10 6.07 2.68 -0.75
N ALA B 11 5.08 3.54 -0.57
CA ALA B 11 3.97 3.62 -1.50
C ALA B 11 3.33 4.98 -1.37
N ASN B 12 2.89 5.53 -2.49
CA ASN B 12 2.08 6.73 -2.52
C ASN B 12 1.00 6.56 -3.56
N PHE B 13 -0.26 6.45 -3.11
CA PHE B 13 -1.38 6.28 -4.01
C PHE B 13 -2.39 7.40 -3.83
N LYS B 14 -2.71 8.11 -4.92
CA LYS B 14 -3.72 9.15 -4.90
C LYS B 14 -4.80 8.88 -5.94
N ASP B 15 -6.05 8.72 -5.49
CA ASP B 15 -7.24 8.49 -6.33
C ASP B 15 -7.11 7.30 -7.28
N THR B 16 -6.60 6.20 -6.74
CA THR B 16 -6.30 4.99 -7.54
C THR B 16 -7.46 4.00 -7.49
N ASP B 17 -7.83 3.46 -8.65
CA ASP B 17 -8.90 2.46 -8.69
C ASP B 17 -8.57 1.31 -7.73
N LEU B 18 -9.53 0.93 -6.92
CA LEU B 18 -9.28 -0.14 -5.97
C LEU B 18 -8.64 -1.34 -6.68
N LYS B 19 -9.24 -1.76 -7.79
CA LYS B 19 -8.76 -2.93 -8.55
C LYS B 19 -7.30 -2.81 -8.98
N SER B 20 -6.88 -1.58 -9.30
CA SER B 20 -5.50 -1.34 -9.71
C SER B 20 -4.58 -1.30 -8.51
N PHE B 21 -5.08 -0.79 -7.38
CA PHE B 21 -4.33 -0.86 -6.11
C PHE B 21 -4.03 -2.31 -5.73
N ILE B 22 -5.12 -3.07 -5.62
CA ILE B 22 -5.06 -4.48 -5.32
C ILE B 22 -4.09 -5.20 -6.22
N GLU B 23 -4.16 -4.93 -7.52
CA GLU B 23 -3.29 -5.59 -8.47
C GLU B 23 -1.84 -5.22 -8.26
N THR B 24 -1.58 -4.02 -7.74
CA THR B 24 -0.20 -3.55 -7.52
C THR B 24 0.40 -4.24 -6.28
N VAL B 25 -0.42 -4.40 -5.24
CA VAL B 25 0.06 -4.99 -4.00
C VAL B 25 0.46 -6.41 -4.30
N GLY B 26 -0.35 -7.08 -5.13
CA GLY B 26 -0.07 -8.44 -5.57
C GLY B 26 1.28 -8.59 -6.26
N ALA B 27 1.63 -7.62 -7.09
CA ALA B 27 2.89 -7.61 -7.81
C ALA B 27 4.03 -7.36 -6.84
N ASN B 28 3.84 -6.39 -5.96
CA ASN B 28 4.82 -6.06 -4.92
C ASN B 28 5.15 -7.26 -4.06
N LEU B 29 4.09 -7.90 -3.56
CA LEU B 29 4.24 -9.07 -2.69
C LEU B 29 4.61 -10.36 -3.43
N ASN B 30 4.60 -10.35 -4.76
CA ASN B 30 4.73 -11.57 -5.60
C ASN B 30 3.68 -12.65 -5.32
N LYS B 31 2.41 -12.24 -5.28
CA LYS B 31 1.30 -13.13 -4.92
C LYS B 31 0.08 -12.98 -5.80
N THR B 32 -0.46 -14.13 -6.18
CA THR B 32 -1.66 -14.15 -6.97
C THR B 32 -2.80 -13.72 -6.08
N ILE B 33 -3.53 -12.74 -6.60
CA ILE B 33 -4.74 -12.24 -5.98
C ILE B 33 -5.91 -12.47 -6.92
N ILE B 34 -6.95 -13.10 -6.42
CA ILE B 34 -8.14 -13.41 -7.22
C ILE B 34 -9.22 -12.45 -6.79
N MET B 35 -9.89 -11.82 -7.74
CA MET B 35 -10.86 -10.82 -7.38
C MET B 35 -12.26 -11.26 -7.62
N GLY B 36 -13.05 -11.17 -6.56
CA GLY B 36 -14.48 -11.40 -6.64
C GLY B 36 -15.08 -10.41 -7.60
N PRO B 37 -16.39 -10.56 -7.85
CA PRO B 37 -17.06 -9.64 -8.76
C PRO B 37 -17.25 -8.29 -8.08
N GLY B 38 -17.45 -7.24 -8.89
CA GLY B 38 -17.77 -5.90 -8.38
C GLY B 38 -16.84 -5.40 -7.28
N VAL B 39 -15.54 -5.49 -7.53
CA VAL B 39 -14.57 -4.78 -6.73
C VAL B 39 -14.44 -3.42 -7.39
N GLN B 40 -14.78 -2.38 -6.66
CA GLN B 40 -14.71 -1.03 -7.20
C GLN B 40 -14.52 -0.05 -6.05
N GLY B 41 -13.93 1.09 -6.37
CA GLY B 41 -13.71 2.12 -5.38
C GLY B 41 -12.38 2.77 -5.60
N LYS B 42 -12.03 3.65 -4.67
CA LYS B 42 -10.89 4.54 -4.81
C LYS B 42 -9.96 4.38 -3.60
N VAL B 43 -8.66 4.45 -3.82
CA VAL B 43 -7.72 4.29 -2.72
C VAL B 43 -6.69 5.37 -2.75
N SER B 44 -6.44 5.93 -1.57
CA SER B 44 -5.34 6.87 -1.37
C SER B 44 -4.57 6.50 -0.10
N ILE B 45 -3.23 6.46 -0.21
CA ILE B 45 -2.36 6.23 0.94
C ILE B 45 -0.93 6.66 0.66
N ARG B 46 -0.24 7.07 1.71
CA ARG B 46 1.18 7.39 1.64
C ARG B 46 1.93 6.90 2.85
N THR B 47 3.01 6.17 2.58
CA THR B 47 3.89 5.65 3.60
C THR B 47 4.85 6.72 4.15
N MET B 48 4.63 7.10 5.40
CA MET B 48 5.49 8.08 6.06
C MET B 48 6.78 7.45 6.48
N THR B 49 6.75 6.13 6.64
CA THR B 49 7.94 5.34 6.95
C THR B 49 7.90 4.12 6.06
N PRO B 50 9.06 3.52 5.76
CA PRO B 50 9.00 2.26 5.04
C PRO B 50 8.23 1.23 5.84
N LEU B 51 7.72 0.20 5.18
CA LEU B 51 7.09 -0.92 5.86
C LEU B 51 7.84 -2.16 5.45
N ASN B 52 7.80 -3.20 6.27
CA ASN B 52 8.29 -4.51 5.83
C ASN B 52 7.09 -5.30 5.31
N GLU B 53 7.36 -6.47 4.75
CA GLU B 53 6.32 -7.25 4.09
C GLU B 53 5.03 -7.42 4.93
N ARG B 54 5.17 -7.75 6.23
CA ARG B 54 4.00 -7.93 7.11
C ARG B 54 3.19 -6.66 7.23
N GLN B 55 3.89 -5.56 7.48
CA GLN B 55 3.25 -4.29 7.72
C GLN B 55 2.51 -3.80 6.45
N TYR B 56 3.15 -3.96 5.30
CA TYR B 56 2.56 -3.64 4.00
C TYR B 56 1.27 -4.47 3.75
N TYR B 57 1.35 -5.77 4.01
CA TYR B 57 0.19 -6.62 3.90
C TYR B 57 -0.89 -6.14 4.87
N GLN B 58 -0.50 -5.67 6.07
CA GLN B 58 -1.49 -5.17 7.03
C GLN B 58 -2.16 -3.90 6.53
N LEU B 59 -1.36 -3.04 5.93
CA LEU B 59 -1.87 -1.84 5.25
C LEU B 59 -2.94 -2.23 4.26
N PHE B 60 -2.58 -3.12 3.34
CA PHE B 60 -3.49 -3.73 2.38
C PHE B 60 -4.81 -4.12 3.06
N LEU B 61 -4.71 -4.95 4.08
CA LEU B 61 -5.89 -5.42 4.74
C LEU B 61 -6.68 -4.25 5.26
N ASN B 62 -5.97 -3.29 5.84
CA ASN B 62 -6.61 -2.10 6.38
C ASN B 62 -7.36 -1.27 5.33
N LEU B 63 -6.75 -1.07 4.17
CA LEU B 63 -7.36 -0.22 3.17
C LEU B 63 -8.55 -0.87 2.50
N LEU B 64 -8.50 -2.19 2.33
CA LEU B 64 -9.60 -2.90 1.74
C LEU B 64 -10.74 -2.92 2.71
N GLU B 65 -10.44 -3.09 3.98
CA GLU B 65 -11.50 -3.16 4.96
C GLU B 65 -12.29 -1.86 5.02
N ALA B 66 -11.57 -0.74 5.01
CA ALA B 66 -12.20 0.58 4.98
C ALA B 66 -13.24 0.67 3.87
N GLN B 67 -12.97 0.00 2.75
CA GLN B 67 -13.86 0.04 1.59
C GLN B 67 -14.99 -0.99 1.67
N GLY B 68 -14.95 -1.87 2.67
CA GLY B 68 -15.94 -2.94 2.82
C GLY B 68 -15.58 -4.21 2.06
N TYR B 69 -14.28 -4.55 2.03
CA TYR B 69 -13.73 -5.70 1.28
C TYR B 69 -12.81 -6.54 2.16
N ALA B 70 -13.06 -7.84 2.22
CA ALA B 70 -12.28 -8.76 3.07
C ALA B 70 -11.31 -9.55 2.20
N VAL B 71 -10.14 -9.88 2.75
CA VAL B 71 -9.11 -10.69 2.07
C VAL B 71 -9.10 -12.09 2.67
N VAL B 72 -9.12 -13.14 1.85
CA VAL B 72 -9.24 -14.52 2.36
C VAL B 72 -8.09 -15.34 1.81
N PRO B 73 -7.18 -15.80 2.67
CA PRO B 73 -6.00 -16.51 2.16
C PRO B 73 -6.30 -17.97 1.91
N MET B 74 -5.76 -18.51 0.83
CA MET B 74 -6.02 -19.88 0.40
C MET B 74 -4.72 -20.60 0.15
N TYR B 75 -4.63 -21.83 0.64
CA TYR B 75 -3.41 -22.61 0.48
C TYR B 75 -3.65 -23.64 -0.64
N ILE B 76 -3.09 -23.38 -1.83
CA ILE B 76 -3.33 -24.20 -3.00
C ILE B 76 -2.05 -24.94 -3.39
N ASP B 77 -2.12 -26.26 -3.57
CA ASP B 77 -0.94 -27.03 -3.91
C ASP B 77 -0.89 -27.26 -5.40
N THR B 78 -0.16 -26.39 -6.08
CA THR B 78 -0.13 -26.41 -7.54
C THR B 78 0.70 -27.55 -8.13
N ASN B 79 1.43 -28.31 -7.32
CA ASN B 79 2.23 -29.42 -7.87
C ASN B 79 1.94 -30.78 -7.23
N ASN B 80 0.88 -30.86 -6.44
CA ASN B 80 0.45 -32.15 -5.91
C ASN B 80 1.62 -32.86 -5.23
N ASP B 81 2.41 -32.12 -4.45
CA ASP B 81 3.55 -32.67 -3.73
C ASP B 81 3.26 -32.86 -2.24
N GLY B 82 2.14 -32.27 -1.80
CA GLY B 82 1.72 -32.35 -0.40
C GLY B 82 2.35 -31.26 0.46
N TYR B 83 2.98 -30.27 -0.17
CA TYR B 83 3.57 -29.13 0.54
C TYR B 83 3.13 -27.84 -0.12
N ILE B 84 2.66 -26.91 0.70
CA ILE B 84 2.23 -25.59 0.24
C ILE B 84 3.16 -24.59 0.94
N GLU B 85 4.12 -24.08 0.17
CA GLU B 85 5.18 -23.22 0.70
C GLU B 85 4.66 -21.78 0.84
N GLY B 86 5.08 -21.07 1.88
CA GLY B 86 4.59 -19.71 2.18
C GLY B 86 4.53 -18.73 1.00
N ASP B 87 5.52 -18.80 0.12
CA ASP B 87 5.58 -17.93 -1.06
C ASP B 87 4.51 -18.22 -2.12
N GLU B 88 3.65 -19.21 -1.91
CA GLU B 88 2.66 -19.63 -2.90
C GLU B 88 1.22 -19.55 -2.35
N LEU B 89 1.00 -18.68 -1.37
CA LEU B 89 -0.34 -18.44 -0.87
C LEU B 89 -1.08 -17.50 -1.83
N VAL B 90 -2.33 -17.81 -2.06
CA VAL B 90 -3.17 -17.04 -2.95
C VAL B 90 -4.05 -16.19 -2.04
N LEU B 91 -4.52 -15.04 -2.55
CA LEU B 91 -5.41 -14.18 -1.76
C LEU B 91 -6.69 -13.90 -2.53
N LYS B 92 -7.84 -14.13 -1.91
CA LYS B 92 -9.14 -13.81 -2.52
C LYS B 92 -9.71 -12.55 -1.87
N VAL B 93 -10.09 -11.57 -2.70
CA VAL B 93 -10.74 -10.33 -2.27
C VAL B 93 -12.25 -10.38 -2.55
N VAL B 94 -13.06 -9.97 -1.57
CA VAL B 94 -14.53 -10.00 -1.71
C VAL B 94 -15.27 -9.05 -0.77
N LYS B 95 -16.37 -8.47 -1.27
CA LYS B 95 -17.29 -7.72 -0.43
C LYS B 95 -17.55 -8.51 0.84
N SER B 96 -17.41 -7.83 1.98
CA SER B 96 -17.62 -8.44 3.29
C SER B 96 -19.12 -8.54 3.64
N ALA B 115 -5.55 18.66 4.40
CA ALA B 115 -4.15 18.36 4.75
C ALA B 115 -4.06 17.40 5.94
N GLY B 116 -4.67 17.77 7.06
CA GLY B 116 -4.86 16.83 8.20
C GLY B 116 -5.81 15.68 7.91
N ASP B 117 -6.39 15.67 6.70
CA ASP B 117 -7.29 14.61 6.25
C ASP B 117 -6.60 13.54 5.42
N GLU B 118 -5.34 13.78 5.04
CA GLU B 118 -4.60 12.87 4.17
C GLU B 118 -4.47 11.51 4.79
N MET B 119 -4.71 10.47 4.00
CA MET B 119 -4.55 9.11 4.45
C MET B 119 -3.07 8.77 4.49
N VAL B 120 -2.56 8.50 5.68
CA VAL B 120 -1.14 8.17 5.89
C VAL B 120 -0.94 6.93 6.78
N THR B 121 0.26 6.35 6.68
CA THR B 121 0.61 5.21 7.46
C THR B 121 2.02 5.33 7.97
N LYS B 122 2.23 4.97 9.22
CA LYS B 122 3.49 5.20 9.91
C LYS B 122 3.81 4.03 10.86
N VAL B 123 5.10 3.67 10.96
CA VAL B 123 5.60 2.76 12.00
C VAL B 123 6.36 3.50 13.14
N VAL B 124 5.90 3.31 14.38
CA VAL B 124 6.43 4.00 15.56
C VAL B 124 7.12 2.98 16.46
N PRO B 125 8.44 3.06 16.60
CA PRO B 125 9.02 2.14 17.56
C PRO B 125 8.68 2.58 18.96
N VAL B 126 8.63 1.61 19.87
CA VAL B 126 8.43 1.84 21.31
C VAL B 126 9.59 1.21 22.08
N ARG B 127 10.47 2.06 22.63
CA ARG B 127 11.78 1.63 23.16
C ARG B 127 11.80 1.14 24.62
N ASN B 128 10.86 1.60 25.45
CA ASN B 128 10.91 1.35 26.89
C ASN B 128 9.75 0.58 27.47
N VAL B 129 8.70 0.35 26.69
CA VAL B 129 7.52 -0.35 27.16
C VAL B 129 6.99 -1.36 26.16
N SER B 130 6.52 -2.49 26.68
CA SER B 130 5.63 -3.34 25.93
C SER B 130 4.53 -2.51 25.25
N VAL B 131 4.36 -2.73 23.95
CA VAL B 131 3.39 -1.98 23.15
C VAL B 131 1.95 -2.28 23.56
N ARG B 132 1.63 -3.53 23.85
CA ARG B 132 0.30 -3.90 24.28
C ARG B 132 -0.15 -3.12 25.52
N GLU B 133 0.80 -2.59 26.31
CA GLU B 133 0.46 -1.79 27.51
C GLU B 133 -0.31 -0.52 27.13
N LEU B 134 0.01 0.00 25.94
CA LEU B 134 -0.62 1.22 25.44
C LEU B 134 -2.01 0.99 24.87
N ALA B 135 -2.47 -0.26 24.74
CA ALA B 135 -3.76 -0.52 24.06
C ALA B 135 -4.91 0.29 24.59
N PRO B 136 -5.15 0.30 25.89
CA PRO B 136 -6.40 0.93 26.37
C PRO B 136 -6.49 2.46 26.19
N ILE B 137 -5.34 3.11 25.93
CA ILE B 137 -5.30 4.52 25.62
C ILE B 137 -5.68 4.66 24.15
N LEU B 138 -4.88 4.06 23.28
CA LEU B 138 -5.10 4.11 21.86
C LEU B 138 -6.49 3.64 21.48
N ARG B 139 -7.04 2.68 22.23
CA ARG B 139 -8.41 2.18 21.98
C ARG B 139 -9.39 3.32 22.08
N GLN B 140 -9.16 4.16 23.10
CA GLN B 140 -10.01 5.30 23.37
C GLN B 140 -9.87 6.34 22.27
N MET B 141 -8.65 6.55 21.81
CA MET B 141 -8.42 7.58 20.82
C MET B 141 -9.06 7.19 19.48
N ILE B 142 -8.86 5.95 19.06
CA ILE B 142 -9.42 5.44 17.80
C ILE B 142 -10.95 5.44 17.85
N ASP B 143 -11.52 5.06 18.98
CA ASP B 143 -12.97 5.08 19.07
C ASP B 143 -13.43 6.48 18.81
N SER B 144 -12.69 7.44 19.36
CA SER B 144 -13.09 8.83 19.25
C SER B 144 -12.81 9.34 17.85
N ALA B 145 -11.60 9.10 17.33
CA ALA B 145 -11.26 9.55 15.98
C ALA B 145 -12.30 9.10 14.92
N GLY B 146 -12.86 7.91 15.10
CA GLY B 146 -13.87 7.40 14.18
C GLY B 146 -13.20 6.47 13.18
N SER B 147 -14.00 5.97 12.24
CA SER B 147 -13.55 4.91 11.34
C SER B 147 -12.50 5.38 10.33
N GLY B 148 -11.75 4.42 9.79
CA GLY B 148 -10.65 4.67 8.86
C GLY B 148 -9.31 4.70 9.55
N ASN B 149 -9.32 4.79 10.88
CA ASN B 149 -8.11 4.89 11.70
C ASN B 149 -7.89 3.59 12.46
N VAL B 150 -6.67 3.04 12.33
CA VAL B 150 -6.35 1.71 12.81
C VAL B 150 -4.95 1.66 13.42
N VAL B 151 -4.86 1.00 14.57
CA VAL B 151 -3.58 0.73 15.25
C VAL B 151 -3.30 -0.77 15.18
N ASN B 152 -2.06 -1.13 14.87
CA ASN B 152 -1.69 -2.53 14.79
C ASN B 152 -0.44 -2.72 15.61
N TYR B 153 -0.46 -3.75 16.46
CA TYR B 153 0.64 -4.03 17.35
C TYR B 153 1.48 -5.16 16.78
N ASP B 154 2.72 -4.82 16.44
CA ASP B 154 3.69 -5.77 15.88
C ASP B 154 4.44 -6.47 17.04
N PRO B 155 4.62 -7.80 16.95
CA PRO B 155 5.37 -8.54 17.96
C PRO B 155 6.83 -8.09 18.20
N SER B 156 7.42 -7.34 17.28
CA SER B 156 8.78 -6.80 17.47
C SER B 156 8.81 -5.50 18.29
N ASN B 157 7.69 -5.16 18.93
CA ASN B 157 7.52 -3.96 19.77
C ASN B 157 7.62 -2.66 18.98
N VAL B 158 6.80 -2.57 17.95
CA VAL B 158 6.60 -1.33 17.23
C VAL B 158 5.11 -1.25 16.93
N ILE B 159 4.57 -0.05 16.92
CA ILE B 159 3.16 0.14 16.64
C ILE B 159 3.01 0.73 15.24
N MET B 160 2.09 0.17 14.45
CA MET B 160 1.82 0.68 13.11
C MET B 160 0.49 1.40 13.17
N LEU B 161 0.48 2.57 12.54
CA LEU B 161 -0.66 3.46 12.55
C LEU B 161 -1.13 3.72 11.13
N THR B 162 -2.43 3.60 10.92
CA THR B 162 -3.03 3.98 9.65
C THR B 162 -4.23 4.84 9.97
N GLY B 163 -4.43 5.90 9.18
CA GLY B 163 -5.50 6.86 9.40
C GLY B 163 -5.16 8.28 8.95
N ARG B 164 -6.07 9.20 9.20
CA ARG B 164 -5.87 10.59 8.83
C ARG B 164 -4.63 11.12 9.55
N ALA B 165 -3.81 11.91 8.83
CA ALA B 165 -2.48 12.35 9.30
C ALA B 165 -2.52 13.08 10.64
N SER B 166 -3.54 13.90 10.85
CA SER B 166 -3.69 14.63 12.10
C SER B 166 -3.82 13.62 13.25
N VAL B 167 -4.66 12.62 13.01
CA VAL B 167 -4.86 11.56 13.97
C VAL B 167 -3.57 10.75 14.16
N VAL B 168 -2.89 10.42 13.06
CA VAL B 168 -1.67 9.64 13.18
C VAL B 168 -0.64 10.43 13.97
N GLU B 169 -0.65 11.75 13.83
CA GLU B 169 0.29 12.61 14.58
C GLU B 169 -0.07 12.67 16.07
N ARG B 170 -1.35 12.69 16.38
CA ARG B 170 -1.77 12.65 17.78
C ARG B 170 -1.55 11.31 18.50
N LEU B 171 -1.65 10.19 17.77
CA LEU B 171 -1.29 8.89 18.29
C LEU B 171 0.23 8.81 18.46
N THR B 172 0.99 9.27 17.47
CA THR B 172 2.45 9.24 17.58
C THR B 172 3.01 9.98 18.81
N GLU B 173 2.33 11.05 19.20
CA GLU B 173 2.81 11.90 20.27
C GLU B 173 2.47 11.26 21.60
N VAL B 174 1.31 10.61 21.67
CA VAL B 174 0.88 9.89 22.86
C VAL B 174 1.70 8.64 23.03
N ILE B 175 1.93 7.90 21.97
CA ILE B 175 2.85 6.76 22.07
C ILE B 175 4.20 7.22 22.64
N GLN B 176 4.80 8.23 22.01
CA GLN B 176 6.14 8.63 22.40
C GLN B 176 6.19 9.25 23.78
N ARG B 177 5.11 9.88 24.22
CA ARG B 177 5.14 10.54 25.51
C ARG B 177 5.25 9.47 26.60
N VAL B 178 4.40 8.46 26.43
CA VAL B 178 4.31 7.37 27.37
C VAL B 178 5.61 6.62 27.38
N ASP B 179 6.24 6.52 26.22
CA ASP B 179 7.50 5.80 26.13
C ASP B 179 8.58 6.47 26.97
N HIS B 180 8.75 7.79 26.83
CA HIS B 180 9.89 8.48 27.42
C HIS B 180 9.57 9.09 28.78
N ALA B 181 8.35 8.87 29.26
CA ALA B 181 7.84 9.54 30.46
C ALA B 181 8.53 9.06 31.75
CA CA C . 3.86 -27.50 -3.56
CL CL D . -4.57 -27.77 -2.85
#